data_3EC0
#
_entry.id   3EC0
#
_cell.length_a   105.360
_cell.length_b   30.913
_cell.length_c   55.954
_cell.angle_alpha   90.00
_cell.angle_beta   91.79
_cell.angle_gamma   90.00
#
_symmetry.space_group_name_H-M   'C 1 2 1'
#
loop_
_entity.id
_entity.type
_entity.pdbx_description
1 polymer Protease
2 non-polymer '(3AS,5R,6AR)-HEXAHYDRO-2H-CYCLOPENTA[B]FURAN-5-YL (2S,3S)-3-HYDROXY-4-(4-(HYDROXYMETHYL)-N-ISOBUTYLPHENYLSULFONAMIDO)-1-PHENYLBUTAN-2-YLCARBAMATE'
3 non-polymer IMIDAZOLE
4 non-polymer 'ZINC ION'
5 non-polymer 'CHLORIDE ION'
6 non-polymer 'SODIUM ION'
7 water water
#
_entity_poly.entity_id   1
_entity_poly.type   'polypeptide(L)'
_entity_poly.pdbx_seq_one_letter_code
;PQFSLWKRPVVTAYIEGQPVEVLLDTGADDSIVAGIELGNNYSPKIVGGIGGFINTKEYKNVEIEVLNKKVRATIMTGDT
PINIFGRNILTALGMSLNL
;
_entity_poly.pdbx_strand_id   A,B
#
# COMPACT_ATOMS: atom_id res chain seq x y z
N PRO A 1 -14.76 1.61 12.90
CA PRO A 1 -14.87 1.19 11.50
C PRO A 1 -14.07 -0.04 11.13
N GLN A 2 -14.61 -0.78 10.15
CA GLN A 2 -13.91 -1.89 9.54
C GLN A 2 -13.88 -1.69 8.02
N PHE A 3 -12.74 -1.97 7.42
CA PHE A 3 -12.56 -1.96 5.97
C PHE A 3 -12.30 -3.36 5.47
N SER A 4 -13.23 -3.94 4.69
CA SER A 4 -13.07 -5.37 4.40
C SER A 4 -12.20 -5.64 3.17
N LEU A 5 -11.76 -4.62 2.49
CA LEU A 5 -10.74 -4.65 1.47
C LEU A 5 -11.27 -5.30 0.21
N TRP A 6 -12.59 -5.53 0.10
CA TRP A 6 -13.16 -5.95 -1.17
C TRP A 6 -13.11 -4.82 -2.19
N LYS A 7 -13.06 -3.61 -1.63
CA LYS A 7 -12.91 -2.37 -2.36
C LYS A 7 -11.66 -1.60 -1.85
N ARG A 8 -11.15 -0.64 -2.62
CA ARG A 8 -10.08 0.18 -2.05
C ARG A 8 -10.56 0.91 -0.79
N PRO A 9 -9.78 0.88 0.28
CA PRO A 9 -10.18 1.62 1.48
C PRO A 9 -9.90 3.11 1.38
N VAL A 10 -10.83 3.83 0.78
CA VAL A 10 -10.68 5.25 0.53
C VAL A 10 -11.68 6.06 1.32
N VAL A 11 -11.24 7.11 1.98
CA VAL A 11 -12.07 7.91 2.86
C VAL A 11 -11.81 9.39 2.59
N THR A 12 -12.65 10.27 3.08
CA THR A 12 -12.40 11.70 2.95
C THR A 12 -11.70 12.18 4.22
N ALA A 13 -10.59 12.88 3.97
CA ALA A 13 -9.83 13.56 5.01
C ALA A 13 -9.83 15.06 4.75
N TYR A 14 -9.54 15.81 5.78
CA TYR A 14 -9.37 17.26 5.67
C TYR A 14 -7.93 17.53 6.06
N ILE A 15 -7.16 18.12 5.16
CA ILE A 15 -5.76 18.45 5.47
C ILE A 15 -5.70 19.96 5.54
N GLU A 16 -5.34 20.51 6.69
CA GLU A 16 -5.35 21.96 6.89
C GLU A 16 -6.68 22.53 6.41
N GLY A 17 -7.76 21.79 6.68
CA GLY A 17 -9.10 22.18 6.33
C GLY A 17 -9.51 21.92 4.90
N GLN A 18 -8.64 21.43 4.02
CA GLN A 18 -9.01 21.09 2.65
C GLN A 18 -9.44 19.62 2.48
N PRO A 19 -10.62 19.34 1.93
CA PRO A 19 -10.99 17.94 1.73
C PRO A 19 -10.22 17.28 0.60
N VAL A 20 -9.84 16.03 0.90
CA VAL A 20 -9.14 15.22 -0.07
C VAL A 20 -9.58 13.77 0.10
N GLU A 21 -9.72 13.01 -0.96
CA GLU A 21 -9.94 11.57 -0.82
C GLU A 21 -8.59 10.89 -0.63
N VAL A 22 -8.47 9.98 0.31
CA VAL A 22 -7.17 9.34 0.63
C VAL A 22 -7.35 7.83 0.71
N LEU A 23 -6.31 7.12 0.34
CA LEU A 23 -6.24 5.68 0.41
C LEU A 23 -5.51 5.29 1.70
N LEU A 24 -6.15 4.45 2.49
CA LEU A 24 -5.59 3.98 3.74
C LEU A 24 -4.67 2.81 3.41
N ASP A 25 -3.37 3.04 3.52
CA ASP A 25 -2.39 2.19 2.88
C ASP A 25 -1.34 1.61 3.82
N THR A 26 -1.49 0.32 4.16
CA THR A 26 -0.53 -0.33 5.02
C THR A 26 0.79 -0.57 4.33
N GLY A 27 0.81 -0.46 3.00
CA GLY A 27 2.03 -0.69 2.26
C GLY A 27 2.88 0.56 2.09
N ALA A 28 2.52 1.65 2.71
CA ALA A 28 3.19 2.94 2.65
C ALA A 28 3.74 3.26 4.03
N ASP A 29 5.03 3.51 4.19
CA ASP A 29 5.52 3.92 5.48
C ASP A 29 4.99 5.29 5.90
N ASP A 30 4.91 6.16 4.90
N ASP A 30 4.89 6.17 4.91
CA ASP A 30 4.63 7.58 5.01
CA ASP A 30 4.56 7.57 5.14
C ASP A 30 3.38 7.94 4.20
C ASP A 30 3.49 8.00 4.14
N SER A 31 3.08 9.23 4.22
CA SER A 31 1.87 9.75 3.56
C SER A 31 2.25 10.79 2.53
N ILE A 32 1.56 10.73 1.38
CA ILE A 32 1.84 11.59 0.25
C ILE A 32 0.54 12.00 -0.40
N VAL A 33 0.42 13.30 -0.65
CA VAL A 33 -0.77 13.85 -1.24
C VAL A 33 -0.38 14.87 -2.32
N ALA A 34 -1.28 14.91 -3.31
CA ALA A 34 -1.19 15.80 -4.44
C ALA A 34 -2.31 16.84 -4.39
N GLY A 35 -2.12 17.95 -5.11
CA GLY A 35 -3.24 18.88 -5.18
C GLY A 35 -3.37 19.85 -4.04
N ILE A 36 -2.54 19.79 -3.01
CA ILE A 36 -2.56 20.74 -1.91
C ILE A 36 -1.16 21.33 -1.70
N GLU A 37 -1.13 22.61 -1.43
CA GLU A 37 0.01 23.44 -1.21
C GLU A 37 0.25 23.66 0.29
N LEU A 38 1.33 23.16 0.86
CA LEU A 38 1.55 23.34 2.30
C LEU A 38 2.64 24.36 2.61
N GLY A 39 3.26 24.99 1.63
CA GLY A 39 4.08 26.14 2.00
C GLY A 39 5.56 25.98 1.71
N ASN A 40 6.42 26.91 2.17
CA ASN A 40 7.84 27.03 1.92
C ASN A 40 8.69 26.34 2.97
N ASN A 41 8.04 25.85 4.05
CA ASN A 41 8.83 25.20 5.10
C ASN A 41 8.68 23.69 5.01
N TYR A 42 9.57 23.11 4.25
CA TYR A 42 9.61 21.68 4.00
C TYR A 42 11.05 21.20 3.94
N SER A 43 11.22 19.89 3.82
CA SER A 43 12.47 19.21 3.50
C SER A 43 12.22 18.37 2.26
N PRO A 44 12.95 18.60 1.17
CA PRO A 44 12.78 17.78 -0.04
C PRO A 44 13.32 16.38 0.15
N LYS A 45 12.56 15.41 -0.38
CA LYS A 45 12.99 14.03 -0.31
C LYS A 45 12.39 13.25 -1.49
N ILE A 46 13.12 12.23 -1.86
CA ILE A 46 12.70 11.36 -2.95
C ILE A 46 12.10 10.07 -2.42
N VAL A 47 11.01 9.65 -3.04
CA VAL A 47 10.46 8.36 -2.68
C VAL A 47 10.31 7.51 -3.94
N GLY A 48 10.21 6.21 -3.75
CA GLY A 48 10.23 5.26 -4.84
C GLY A 48 9.14 4.23 -4.65
N GLY A 49 8.64 3.72 -5.75
CA GLY A 49 7.73 2.59 -5.76
C GLY A 49 7.69 1.96 -7.14
N ILE A 50 6.52 1.36 -7.45
CA ILE A 50 6.37 0.80 -8.80
C ILE A 50 6.35 1.93 -9.82
N GLY A 51 7.20 1.74 -10.85
CA GLY A 51 7.22 2.68 -11.94
C GLY A 51 8.30 3.73 -11.78
N GLY A 52 8.88 3.82 -10.59
CA GLY A 52 9.99 4.79 -10.44
C GLY A 52 9.99 5.57 -9.17
N PHE A 53 10.31 6.85 -9.28
CA PHE A 53 10.63 7.73 -8.17
C PHE A 53 9.94 9.07 -8.40
N ILE A 54 9.64 9.74 -7.28
CA ILE A 54 9.15 11.10 -7.37
C ILE A 54 9.81 11.97 -6.31
N ASN A 55 9.97 13.23 -6.68
CA ASN A 55 10.35 14.27 -5.76
C ASN A 55 9.18 14.65 -4.88
N THR A 56 9.45 14.84 -3.59
CA THR A 56 8.37 15.26 -2.67
C THR A 56 8.91 16.38 -1.79
N LYS A 57 7.98 17.05 -1.15
CA LYS A 57 8.26 18.06 -0.12
C LYS A 57 7.70 17.53 1.19
N GLU A 58 8.53 17.33 2.19
CA GLU A 58 8.08 16.78 3.48
C GLU A 58 7.78 17.89 4.48
N TYR A 59 6.56 17.90 5.02
CA TYR A 59 6.03 18.86 5.98
C TYR A 59 5.69 18.15 7.30
N LYS A 60 6.08 18.73 8.44
CA LYS A 60 5.83 18.19 9.75
C LYS A 60 4.66 18.87 10.46
N ASN A 61 4.05 18.17 11.38
CA ASN A 61 3.01 18.74 12.25
C ASN A 61 1.82 19.30 11.49
N VAL A 62 1.35 18.59 10.45
CA VAL A 62 0.19 19.03 9.66
C VAL A 62 -1.12 18.59 10.29
N GLU A 63 -2.12 19.45 10.38
CA GLU A 63 -3.42 19.08 10.93
C GLU A 63 -4.14 18.15 9.97
N ILE A 64 -4.54 17.00 10.45
CA ILE A 64 -5.29 16.06 9.61
C ILE A 64 -6.54 15.65 10.37
N GLU A 65 -7.69 15.68 9.73
CA GLU A 65 -8.95 15.20 10.27
C GLU A 65 -9.38 14.04 9.35
N VAL A 66 -9.52 12.86 9.90
CA VAL A 66 -9.96 11.70 9.11
C VAL A 66 -10.59 10.69 10.08
N LEU A 67 -11.64 9.97 9.69
CA LEU A 67 -12.26 8.92 10.48
C LEU A 67 -12.71 9.39 11.85
N ASN A 68 -13.21 10.60 11.84
CA ASN A 68 -13.72 11.37 12.96
C ASN A 68 -12.69 11.52 14.08
N LYS A 69 -11.41 11.56 13.69
CA LYS A 69 -10.30 11.83 14.59
C LYS A 69 -9.48 12.98 14.04
N LYS A 70 -8.86 13.74 14.92
CA LYS A 70 -7.94 14.80 14.53
C LYS A 70 -6.53 14.45 15.00
N VAL A 71 -5.58 14.46 14.06
CA VAL A 71 -4.20 14.17 14.46
C VAL A 71 -3.27 15.19 13.83
N ARG A 72 -2.05 15.33 14.32
CA ARG A 72 -1.06 16.13 13.60
C ARG A 72 0.04 15.19 13.14
N ALA A 73 0.41 15.24 11.87
CA ALA A 73 1.31 14.24 11.32
C ALA A 73 2.20 14.82 10.22
N THR A 74 3.20 14.03 9.84
CA THR A 74 4.05 14.40 8.68
C THR A 74 3.38 14.05 7.36
N ILE A 75 3.39 15.01 6.41
CA ILE A 75 2.78 14.77 5.11
C ILE A 75 3.79 15.21 4.05
N MET A 76 3.96 14.38 3.04
CA MET A 76 4.68 14.79 1.85
C MET A 76 3.71 15.28 0.80
N THR A 77 4.08 16.30 0.07
CA THR A 77 3.37 16.63 -1.15
C THR A 77 4.24 16.30 -2.35
N GLY A 78 3.60 15.95 -3.45
CA GLY A 78 4.26 15.62 -4.69
C GLY A 78 3.27 15.11 -5.73
N ASP A 79 3.81 14.81 -6.90
CA ASP A 79 2.92 14.39 -8.01
C ASP A 79 2.64 12.92 -7.97
N THR A 80 1.98 12.53 -6.88
CA THR A 80 1.49 11.16 -6.74
C THR A 80 0.16 11.01 -7.46
N PRO A 81 -0.08 9.88 -8.11
CA PRO A 81 -1.35 9.69 -8.82
C PRO A 81 -2.55 9.41 -7.92
N ILE A 82 -2.28 9.14 -6.66
CA ILE A 82 -3.33 8.86 -5.67
C ILE A 82 -2.83 9.41 -4.35
N ASN A 83 -3.76 9.87 -3.51
CA ASN A 83 -3.37 10.37 -2.21
C ASN A 83 -3.32 9.22 -1.21
N ILE A 84 -2.23 9.14 -0.46
CA ILE A 84 -1.93 7.99 0.38
C ILE A 84 -1.69 8.42 1.82
N PHE A 85 -2.50 7.79 2.72
CA PHE A 85 -2.30 7.86 4.13
C PHE A 85 -1.64 6.53 4.56
N GLY A 86 -0.34 6.65 4.82
CA GLY A 86 0.47 5.53 5.20
C GLY A 86 0.51 5.29 6.69
N ARG A 87 1.42 4.42 7.10
CA ARG A 87 1.45 3.95 8.47
C ARG A 87 1.67 5.05 9.48
N ASN A 88 2.31 6.13 9.10
CA ASN A 88 2.54 7.18 10.11
C ASN A 88 1.21 7.73 10.57
N ILE A 89 0.26 7.81 9.66
CA ILE A 89 -1.08 8.27 10.04
C ILE A 89 -1.94 7.12 10.57
N LEU A 90 -1.86 5.93 10.00
CA LEU A 90 -2.71 4.82 10.43
C LEU A 90 -2.42 4.52 11.89
N THR A 91 -1.14 4.55 12.26
CA THR A 91 -0.82 4.30 13.67
C THR A 91 -1.30 5.41 14.59
N ALA A 92 -1.28 6.64 14.13
CA ALA A 92 -1.72 7.78 14.91
C ALA A 92 -3.22 7.65 15.17
N LEU A 93 -3.94 7.02 14.28
CA LEU A 93 -5.37 6.82 14.41
C LEU A 93 -5.67 5.56 15.22
N GLY A 94 -4.75 4.66 15.45
CA GLY A 94 -4.98 3.40 16.16
C GLY A 94 -5.56 2.30 15.30
N MET A 95 -5.28 2.35 13.99
CA MET A 95 -5.67 1.32 13.06
CA MET A 95 -5.73 1.30 13.09
C MET A 95 -4.81 0.08 13.15
N SER A 96 -5.38 -1.07 12.86
CA SER A 96 -4.62 -2.30 12.74
C SER A 96 -5.09 -3.11 11.53
N LEU A 97 -4.26 -4.01 11.09
CA LEU A 97 -4.51 -4.92 9.99
C LEU A 97 -4.61 -6.29 10.63
N ASN A 98 -5.72 -6.98 10.44
CA ASN A 98 -6.05 -8.20 11.15
C ASN A 98 -6.44 -9.36 10.24
N LEU A 99 -5.99 -10.56 10.59
CA LEU A 99 -6.43 -11.85 10.09
C LEU A 99 -7.07 -12.67 11.23
N PRO B 1 -3.95 -13.42 13.24
CA PRO B 1 -2.82 -12.52 13.49
C PRO B 1 -3.22 -11.04 13.38
N GLN B 2 -2.50 -10.19 14.08
CA GLN B 2 -2.58 -8.76 14.15
C GLN B 2 -1.28 -8.00 13.83
N PHE B 3 -1.45 -7.01 12.95
CA PHE B 3 -0.40 -6.10 12.53
C PHE B 3 -0.74 -4.71 13.03
N SER B 4 0.00 -4.21 14.02
CA SER B 4 -0.29 -2.92 14.64
C SER B 4 0.25 -1.71 13.88
N LEU B 5 1.02 -1.95 12.83
CA LEU B 5 1.44 -0.97 11.81
C LEU B 5 2.51 0.01 12.26
N TRP B 6 3.04 -0.16 13.46
CA TRP B 6 4.20 0.59 13.92
C TRP B 6 5.44 0.16 13.13
N LYS B 7 5.45 -1.09 12.67
CA LYS B 7 6.45 -1.60 11.74
C LYS B 7 5.71 -2.01 10.48
N ARG B 8 6.46 -2.16 9.37
CA ARG B 8 5.86 -2.66 8.13
C ARG B 8 5.23 -4.01 8.37
N PRO B 9 4.04 -4.23 7.83
CA PRO B 9 3.45 -5.58 7.94
C PRO B 9 4.00 -6.51 6.88
N VAL B 10 5.25 -6.92 7.15
CA VAL B 10 5.98 -7.84 6.30
C VAL B 10 5.97 -9.22 6.88
N VAL B 11 5.80 -10.21 6.02
CA VAL B 11 5.81 -11.60 6.38
C VAL B 11 6.56 -12.38 5.32
N THR B 12 6.89 -13.63 5.63
CA THR B 12 7.42 -14.52 4.61
C THR B 12 6.25 -15.34 4.08
N ALA B 13 6.39 -15.71 2.81
CA ALA B 13 5.43 -16.50 2.10
C ALA B 13 6.10 -17.46 1.15
N TYR B 14 5.39 -18.44 0.66
CA TYR B 14 5.84 -19.27 -0.43
C TYR B 14 4.90 -19.09 -1.60
N ILE B 15 5.48 -18.93 -2.78
CA ILE B 15 4.69 -18.85 -4.02
C ILE B 15 5.12 -20.02 -4.88
N GLU B 16 4.25 -21.02 -5.05
CA GLU B 16 4.60 -22.26 -5.72
C GLU B 16 5.93 -22.79 -5.16
N GLY B 17 6.05 -22.73 -3.83
CA GLY B 17 7.23 -23.25 -3.17
C GLY B 17 8.41 -22.33 -3.05
N GLN B 18 8.36 -21.14 -3.67
CA GLN B 18 9.47 -20.24 -3.68
C GLN B 18 9.35 -19.21 -2.54
N PRO B 19 10.31 -19.17 -1.66
CA PRO B 19 10.21 -18.23 -0.51
C PRO B 19 10.39 -16.78 -0.89
N VAL B 20 9.57 -15.92 -0.31
CA VAL B 20 9.60 -14.50 -0.53
C VAL B 20 9.30 -13.74 0.77
N GLU B 21 9.82 -12.54 0.85
CA GLU B 21 9.45 -11.50 1.77
C GLU B 21 8.35 -10.67 1.08
N VAL B 22 7.23 -10.49 1.73
CA VAL B 22 6.12 -9.74 1.15
C VAL B 22 5.53 -8.77 2.16
N LEU B 23 5.05 -7.66 1.64
CA LEU B 23 4.40 -6.59 2.34
C LEU B 23 2.92 -6.71 2.13
N LEU B 24 2.14 -6.80 3.22
CA LEU B 24 0.69 -6.83 3.17
C LEU B 24 0.22 -5.38 2.91
N ASP B 25 -0.34 -5.16 1.74
CA ASP B 25 -0.51 -3.83 1.20
C ASP B 25 -1.94 -3.48 0.82
N THR B 26 -2.60 -2.77 1.74
CA THR B 26 -4.02 -2.47 1.48
C THR B 26 -4.17 -1.44 0.38
N GLY B 27 -3.09 -0.75 0.02
CA GLY B 27 -3.10 0.18 -1.10
C GLY B 27 -2.88 -0.42 -2.45
N ALA B 28 -2.74 -1.75 -2.55
CA ALA B 28 -2.51 -2.44 -3.81
C ALA B 28 -3.72 -3.26 -4.16
N ASP B 29 -4.16 -3.11 -5.42
CA ASP B 29 -5.28 -3.90 -5.89
C ASP B 29 -4.85 -5.34 -6.19
N ASP B 30 -3.59 -5.45 -6.66
CA ASP B 30 -3.04 -6.68 -7.23
C ASP B 30 -1.85 -7.09 -6.39
N SER B 31 -1.35 -8.27 -6.58
CA SER B 31 -0.16 -8.75 -5.91
C SER B 31 0.98 -8.89 -6.91
N ILE B 32 2.08 -8.18 -6.67
CA ILE B 32 3.17 -8.01 -7.56
C ILE B 32 4.44 -8.49 -6.86
N VAL B 33 5.16 -9.41 -7.47
CA VAL B 33 6.36 -10.00 -6.94
C VAL B 33 7.48 -10.00 -7.97
N ALA B 34 8.68 -9.62 -7.53
CA ALA B 34 9.86 -9.60 -8.34
C ALA B 34 10.71 -10.87 -8.07
N GLY B 35 11.46 -11.25 -9.06
CA GLY B 35 12.52 -12.20 -9.01
C GLY B 35 12.09 -13.65 -9.09
N ILE B 36 10.87 -14.01 -8.70
CA ILE B 36 10.47 -15.41 -8.79
C ILE B 36 10.25 -15.77 -10.25
N GLU B 37 10.30 -17.05 -10.53
CA GLU B 37 10.25 -17.54 -11.90
C GLU B 37 9.08 -18.51 -11.96
N LEU B 38 7.99 -18.08 -12.58
CA LEU B 38 6.78 -18.93 -12.56
C LEU B 38 6.48 -19.57 -13.92
N GLY B 39 7.31 -19.35 -14.91
CA GLY B 39 7.24 -20.04 -16.16
C GLY B 39 6.62 -19.24 -17.28
N ASN B 40 6.27 -19.93 -18.36
CA ASN B 40 5.82 -19.22 -19.57
C ASN B 40 4.33 -19.16 -19.73
N ASN B 41 3.60 -19.64 -18.74
CA ASN B 41 2.16 -19.62 -18.89
C ASN B 41 1.59 -18.38 -18.22
N TYR B 42 1.72 -17.26 -18.91
CA TYR B 42 1.26 -15.96 -18.42
C TYR B 42 0.63 -15.13 -19.53
N SER B 43 -0.04 -14.07 -19.08
CA SER B 43 -0.50 -13.04 -20.01
C SER B 43 0.11 -11.73 -19.60
N PRO B 44 0.50 -10.88 -20.51
CA PRO B 44 1.01 -9.57 -20.12
C PRO B 44 -0.08 -8.70 -19.53
N LYS B 45 0.28 -7.96 -18.51
CA LYS B 45 -0.56 -6.95 -17.92
C LYS B 45 0.25 -5.68 -17.69
N ILE B 46 -0.45 -4.56 -17.66
CA ILE B 46 0.12 -3.25 -17.44
C ILE B 46 -0.36 -2.71 -16.10
N VAL B 47 0.59 -2.32 -15.26
CA VAL B 47 0.33 -1.90 -13.87
C VAL B 47 0.89 -0.51 -13.64
N GLY B 48 0.09 0.39 -13.10
CA GLY B 48 0.43 1.73 -12.76
C GLY B 48 0.68 1.98 -11.28
N GLY B 49 1.92 2.26 -10.91
CA GLY B 49 2.29 2.59 -9.53
C GLY B 49 2.62 4.06 -9.32
N ILE B 50 3.25 4.39 -8.22
CA ILE B 50 3.49 5.79 -7.88
C ILE B 50 4.32 6.51 -8.93
N GLY B 51 5.18 5.75 -9.58
CA GLY B 51 6.09 6.38 -10.52
C GLY B 51 5.76 6.31 -11.97
N GLY B 52 4.75 5.53 -12.29
CA GLY B 52 4.62 5.20 -13.72
C GLY B 52 4.23 3.75 -13.89
N PHE B 53 4.28 3.31 -15.14
CA PHE B 53 3.73 2.02 -15.54
C PHE B 53 4.85 1.04 -15.79
N ILE B 54 4.56 -0.22 -15.45
CA ILE B 54 5.42 -1.31 -15.82
C ILE B 54 4.61 -2.40 -16.51
N ASN B 55 5.27 -3.25 -17.26
CA ASN B 55 4.68 -4.50 -17.73
C ASN B 55 4.91 -5.57 -16.65
N THR B 56 3.93 -6.44 -16.51
CA THR B 56 4.02 -7.59 -15.61
C THR B 56 3.56 -8.82 -16.37
N LYS B 57 3.89 -9.98 -15.80
CA LYS B 57 3.44 -11.30 -16.25
C LYS B 57 2.38 -11.79 -15.28
N GLU B 58 1.16 -11.98 -15.78
CA GLU B 58 0.06 -12.41 -14.91
C GLU B 58 -0.10 -13.91 -14.94
N TYR B 59 -0.01 -14.54 -13.78
CA TYR B 59 -0.22 -15.95 -13.55
C TYR B 59 -1.45 -16.16 -12.68
N LYS B 60 -2.34 -17.00 -13.16
CA LYS B 60 -3.55 -17.33 -12.44
C LYS B 60 -3.42 -18.62 -11.67
N ASN B 61 -4.22 -18.72 -10.60
CA ASN B 61 -4.38 -19.95 -9.84
C ASN B 61 -3.05 -20.46 -9.29
N VAL B 62 -2.29 -19.50 -8.77
CA VAL B 62 -0.99 -19.78 -8.15
C VAL B 62 -1.15 -20.16 -6.70
N GLU B 63 -0.44 -21.24 -6.31
CA GLU B 63 -0.47 -21.64 -4.91
C GLU B 63 0.36 -20.70 -4.06
N ILE B 64 -0.25 -20.20 -3.01
CA ILE B 64 0.38 -19.27 -2.10
C ILE B 64 0.18 -19.75 -0.65
N GLU B 65 1.28 -19.79 0.07
CA GLU B 65 1.29 -20.15 1.49
C GLU B 65 1.78 -18.95 2.29
N VAL B 66 0.89 -18.48 3.16
CA VAL B 66 1.20 -17.28 3.94
C VAL B 66 0.32 -17.27 5.17
N LEU B 67 0.84 -16.86 6.32
CA LEU B 67 0.09 -16.76 7.55
C LEU B 67 -0.68 -18.02 7.92
N ASN B 68 0.02 -19.14 7.72
CA ASN B 68 -0.49 -20.44 8.04
C ASN B 68 -1.72 -20.83 7.21
N LYS B 69 -1.95 -20.13 6.10
CA LYS B 69 -3.02 -20.49 5.20
C LYS B 69 -2.49 -20.87 3.83
N LYS B 70 -3.26 -21.61 3.05
CA LYS B 70 -2.97 -21.89 1.65
C LYS B 70 -4.11 -21.39 0.77
N VAL B 71 -3.78 -20.53 -0.20
CA VAL B 71 -4.84 -20.05 -1.08
C VAL B 71 -4.32 -20.14 -2.51
N ARG B 72 -5.20 -20.04 -3.47
CA ARG B 72 -4.86 -19.96 -4.87
C ARG B 72 -5.28 -18.56 -5.33
N ALA B 73 -4.36 -17.84 -5.96
CA ALA B 73 -4.62 -16.46 -6.32
C ALA B 73 -3.76 -16.06 -7.52
N THR B 74 -4.08 -14.89 -8.05
CA THR B 74 -3.36 -14.32 -9.18
C THR B 74 -2.13 -13.61 -8.67
N ILE B 75 -1.00 -13.92 -9.28
CA ILE B 75 0.25 -13.24 -9.01
C ILE B 75 0.73 -12.58 -10.30
N MET B 76 1.14 -11.34 -10.20
CA MET B 76 1.87 -10.74 -11.32
CA MET B 76 1.85 -10.61 -11.25
C MET B 76 3.35 -10.62 -10.95
N THR B 77 4.21 -11.01 -11.87
CA THR B 77 5.65 -10.83 -11.64
C THR B 77 6.11 -9.64 -12.47
N GLY B 78 6.96 -8.84 -11.92
CA GLY B 78 7.57 -7.71 -12.63
C GLY B 78 8.41 -6.90 -11.63
N ASP B 79 8.85 -5.73 -12.17
CA ASP B 79 9.86 -4.94 -11.48
C ASP B 79 9.24 -4.06 -10.43
N THR B 80 8.99 -4.60 -9.27
CA THR B 80 8.58 -3.84 -8.10
C THR B 80 9.73 -3.84 -7.11
N PRO B 81 10.01 -2.76 -6.39
CA PRO B 81 11.12 -2.75 -5.42
C PRO B 81 10.81 -3.50 -4.14
N ILE B 82 9.56 -3.77 -3.89
CA ILE B 82 9.09 -4.48 -2.70
C ILE B 82 7.99 -5.42 -3.16
N ASN B 83 8.05 -6.68 -2.78
CA ASN B 83 7.00 -7.62 -3.14
C ASN B 83 5.74 -7.31 -2.33
N ILE B 84 4.60 -7.20 -3.00
CA ILE B 84 3.38 -6.79 -2.33
C ILE B 84 2.25 -7.78 -2.55
N PHE B 85 1.59 -8.12 -1.44
CA PHE B 85 0.34 -8.86 -1.47
C PHE B 85 -0.77 -7.85 -1.27
N GLY B 86 -1.46 -7.60 -2.36
CA GLY B 86 -2.59 -6.65 -2.41
C GLY B 86 -3.90 -7.31 -2.10
N ARG B 87 -4.98 -6.55 -2.37
CA ARG B 87 -6.26 -6.91 -1.81
C ARG B 87 -6.81 -8.22 -2.39
N ASN B 88 -6.38 -8.59 -3.60
CA ASN B 88 -6.83 -9.86 -4.16
C ASN B 88 -6.45 -11.01 -3.20
N ILE B 89 -5.25 -10.93 -2.62
CA ILE B 89 -4.86 -11.96 -1.65
C ILE B 89 -5.38 -11.64 -0.26
N LEU B 90 -5.38 -10.36 0.17
CA LEU B 90 -5.85 -10.05 1.54
C LEU B 90 -7.30 -10.48 1.72
N THR B 91 -8.15 -10.27 0.74
CA THR B 91 -9.51 -10.77 0.78
C THR B 91 -9.58 -12.31 0.73
N ALA B 92 -8.70 -12.96 -0.02
CA ALA B 92 -8.76 -14.41 -0.02
C ALA B 92 -8.45 -14.94 1.39
N LEU B 93 -7.59 -14.22 2.11
CA LEU B 93 -7.16 -14.60 3.44
C LEU B 93 -8.17 -14.18 4.50
N GLY B 94 -9.13 -13.35 4.16
CA GLY B 94 -10.09 -12.82 5.12
C GLY B 94 -9.57 -11.74 6.02
N MET B 95 -8.70 -10.91 5.51
CA MET B 95 -8.15 -9.84 6.32
C MET B 95 -8.99 -8.57 6.22
N SER B 96 -8.79 -7.70 7.19
CA SER B 96 -9.46 -6.42 7.31
C SER B 96 -8.60 -5.37 8.00
N LEU B 97 -8.91 -4.09 7.76
CA LEU B 97 -8.37 -2.90 8.41
C LEU B 97 -9.43 -2.41 9.42
N ASN B 98 -8.96 -2.18 10.65
CA ASN B 98 -9.84 -1.87 11.77
C ASN B 98 -9.35 -0.71 12.62
N LEU B 99 -10.28 0.06 13.13
CA LEU B 99 -10.08 1.15 14.05
C LEU B 99 -11.10 1.10 15.19
#